data_3AI5
#
_entry.id   3AI5
#
_cell.length_a   92.515
_cell.length_b   65.649
_cell.length_c   70.225
_cell.angle_alpha   90.00
_cell.angle_beta   130.34
_cell.angle_gamma   90.00
#
_symmetry.space_group_name_H-M   'C 1 2 1'
#
loop_
_entity.id
_entity.type
_entity.pdbx_description
1 polymer 'yeast enhanced green fluorescent protein,Ubiquitin'
2 non-polymer 1,2-ETHANEDIOL
3 water water
#
_entity_poly.entity_id   1
_entity_poly.type   'polypeptide(L)'
_entity_poly.pdbx_seq_one_letter_code
;GSHMSKGEELFTGVVPILVELDGDVNGHKFSVSGEGEGDATYGKLTLKFICTTGKLPVPWPTLVTTF(CR2)VQCFARYP
DHMKQHDFFKSAMPEGYVQERTIFFKDDGNYKTRAEVKFEGDTLVNRIELKGIDFKEDGNILGHKLEYNYNSHNVYIMAD
KQKNGIKVNFKIRHNIEDGSVQLADHYQQNTPIGDGPVLLPDNHYLSTQSALSKDPNEKRDHMVLLEFVTAAGITGSMQI
FVKTLTGKTITLEVEPSDTIENVKAKIQDKEGIPPDQQRLIFAGKQLEDGRTLSDYNIQKESTLHLVLRLR
;
_entity_poly.pdbx_strand_id   A
#
# COMPACT_ATOMS: atom_id res chain seq x y z
N SER A 5 6.67 -11.00 8.70
CA SER A 5 6.01 -12.05 9.46
C SER A 5 6.22 -13.42 8.77
N LYS A 6 5.67 -14.47 9.38
CA LYS A 6 5.55 -15.79 8.64
C LYS A 6 4.69 -15.75 7.37
N GLY A 7 3.57 -15.02 7.43
CA GLY A 7 2.71 -14.80 6.28
C GLY A 7 3.42 -14.20 5.08
N GLU A 8 4.45 -13.40 5.29
CA GLU A 8 5.23 -12.83 4.17
C GLU A 8 5.76 -13.84 3.13
N GLU A 9 6.17 -15.04 3.57
CA GLU A 9 6.73 -16.04 2.70
C GLU A 9 5.74 -16.53 1.67
N LEU A 10 4.44 -16.42 2.00
CA LEU A 10 3.41 -16.82 1.06
C LEU A 10 3.31 -15.89 -0.14
N PHE A 11 4.02 -14.74 -0.09
CA PHE A 11 3.91 -13.74 -1.15
C PHE A 11 5.14 -13.63 -2.02
N THR A 12 6.06 -14.60 -1.89
CA THR A 12 7.23 -14.49 -2.76
C THR A 12 6.67 -14.96 -4.17
N GLY A 13 7.19 -14.39 -5.22
CA GLY A 13 6.66 -14.72 -6.49
C GLY A 13 5.20 -14.32 -6.72
N VAL A 14 4.71 -14.80 -7.80
CA VAL A 14 3.43 -14.41 -8.38
C VAL A 14 2.36 -15.33 -7.83
N VAL A 15 1.32 -14.76 -7.24
CA VAL A 15 0.27 -15.53 -6.56
C VAL A 15 -1.03 -15.35 -7.34
N PRO A 16 -1.78 -16.38 -7.69
CA PRO A 16 -3.06 -16.25 -8.37
C PRO A 16 -4.09 -15.67 -7.40
N ILE A 17 -5.03 -14.94 -7.95
CA ILE A 17 -6.05 -14.23 -7.15
C ILE A 17 -7.40 -14.58 -7.76
N LEU A 18 -8.37 -14.81 -6.88
CA LEU A 18 -9.78 -14.93 -7.27
C LEU A 18 -10.58 -13.91 -6.49
N VAL A 19 -11.55 -13.26 -7.14
CA VAL A 19 -12.41 -12.24 -6.49
C VAL A 19 -13.85 -12.63 -6.80
N GLU A 20 -14.71 -12.61 -5.80
CA GLU A 20 -16.17 -12.83 -6.01
C GLU A 20 -16.93 -11.78 -5.25
N LEU A 21 -17.91 -11.15 -5.88
CA LEU A 21 -18.71 -10.13 -5.21
C LEU A 21 -20.19 -10.36 -5.50
N ASP A 22 -20.98 -10.29 -4.43
CA ASP A 22 -22.43 -10.15 -4.54
C ASP A 22 -22.83 -8.79 -4.07
N GLY A 23 -23.59 -8.07 -4.90
CA GLY A 23 -23.90 -6.64 -4.62
C GLY A 23 -25.38 -6.40 -4.73
N ASP A 24 -25.81 -5.37 -4.03
CA ASP A 24 -27.21 -4.91 -4.12
C ASP A 24 -27.15 -3.39 -3.93
N VAL A 25 -27.39 -2.60 -4.99
CA VAL A 25 -27.34 -1.13 -4.86
C VAL A 25 -28.73 -0.60 -5.18
N ASN A 26 -29.35 0.03 -4.21
CA ASN A 26 -30.75 0.57 -4.40
C ASN A 26 -31.69 -0.53 -4.90
N GLY A 27 -31.44 -1.75 -4.46
CA GLY A 27 -32.27 -2.93 -4.84
C GLY A 27 -31.88 -3.58 -6.15
N HIS A 28 -30.89 -3.00 -6.86
CA HIS A 28 -30.39 -3.59 -8.11
C HIS A 28 -29.36 -4.65 -7.71
N LYS A 29 -29.68 -5.93 -7.89
CA LYS A 29 -28.76 -7.02 -7.50
C LYS A 29 -27.80 -7.36 -8.65
N PHE A 30 -26.57 -7.65 -8.32
CA PHE A 30 -25.59 -8.01 -9.33
C PHE A 30 -24.48 -8.84 -8.72
N SER A 31 -23.77 -9.54 -9.58
CA SER A 31 -22.61 -10.34 -9.16
C SER A 31 -21.47 -10.12 -10.11
N VAL A 32 -20.26 -10.13 -9.54
CA VAL A 32 -19.03 -10.02 -10.31
C VAL A 32 -18.03 -11.06 -9.92
N SER A 33 -17.36 -11.64 -10.91
CA SER A 33 -16.25 -12.59 -10.68
C SER A 33 -15.00 -11.98 -11.25
N GLY A 34 -13.88 -12.12 -10.57
CA GLY A 34 -12.59 -11.60 -11.05
C GLY A 34 -11.50 -12.62 -10.89
N GLU A 35 -10.48 -12.48 -11.69
CA GLU A 35 -9.29 -13.32 -11.55
C GLU A 35 -8.08 -12.59 -12.03
N GLY A 36 -6.91 -12.99 -11.53
CA GLY A 36 -5.63 -12.40 -11.96
C GLY A 36 -4.55 -12.86 -11.07
N GLU A 37 -3.61 -11.97 -10.81
CA GLU A 37 -2.43 -12.37 -10.09
C GLU A 37 -1.80 -11.18 -9.43
N GLY A 38 -1.05 -11.42 -8.37
CA GLY A 38 -0.43 -10.37 -7.58
C GLY A 38 1.05 -10.69 -7.38
N ASP A 39 1.91 -9.67 -7.38
CA ASP A 39 3.33 -9.89 -7.14
C ASP A 39 3.77 -8.83 -6.16
N ALA A 40 3.79 -9.16 -4.88
CA ALA A 40 4.05 -8.22 -3.87
C ALA A 40 5.45 -7.66 -3.94
N THR A 41 6.39 -8.43 -4.48
CA THR A 41 7.77 -7.91 -4.66
C THR A 41 7.78 -6.63 -5.49
N TYR A 42 6.85 -6.53 -6.42
CA TYR A 42 6.71 -5.38 -7.32
C TYR A 42 5.56 -4.49 -6.87
N GLY A 43 4.90 -4.83 -5.73
CA GLY A 43 3.66 -4.14 -5.35
C GLY A 43 2.57 -4.13 -6.41
N LYS A 44 2.48 -5.16 -7.24
CA LYS A 44 1.66 -5.10 -8.45
C LYS A 44 0.53 -6.09 -8.41
N LEU A 45 -0.65 -5.68 -8.88
CA LEU A 45 -1.83 -6.51 -8.97
C LEU A 45 -2.37 -6.34 -10.38
N THR A 46 -2.80 -7.43 -11.02
CA THR A 46 -3.50 -7.34 -12.30
C THR A 46 -4.75 -8.21 -12.18
N LEU A 47 -5.92 -7.68 -12.46
CA LEU A 47 -7.18 -8.39 -12.31
C LEU A 47 -8.11 -8.08 -13.44
N LYS A 48 -8.92 -9.06 -13.86
CA LYS A 48 -10.02 -8.83 -14.78
C LYS A 48 -11.31 -9.25 -14.16
N PHE A 49 -12.33 -8.41 -14.27
CA PHE A 49 -13.64 -8.66 -13.67
C PHE A 49 -14.72 -8.73 -14.72
N ILE A 50 -15.68 -9.62 -14.51
CA ILE A 50 -16.83 -9.72 -15.40
C ILE A 50 -18.08 -9.62 -14.55
N CYS A 51 -19.05 -8.84 -14.98
CA CYS A 51 -20.33 -8.88 -14.35
C CYS A 51 -21.11 -10.07 -14.90
N THR A 52 -21.38 -11.04 -14.04
CA THR A 52 -21.98 -12.32 -14.49
C THR A 52 -23.48 -12.25 -14.60
N THR A 53 -24.09 -11.19 -14.13
CA THR A 53 -25.55 -11.04 -14.10
C THR A 53 -26.05 -10.10 -15.23
N GLY A 54 -25.14 -9.59 -16.04
CA GLY A 54 -25.50 -8.67 -17.15
C GLY A 54 -24.73 -7.35 -17.07
N LYS A 55 -25.45 -6.25 -17.18
CA LYS A 55 -24.82 -4.94 -17.08
C LYS A 55 -24.62 -4.58 -15.60
N LEU A 56 -23.45 -4.00 -15.31
CA LEU A 56 -23.21 -3.53 -13.96
C LEU A 56 -24.08 -2.28 -13.73
N PRO A 57 -24.82 -2.24 -12.63
CA PRO A 57 -25.68 -1.06 -12.42
C PRO A 57 -25.04 0.16 -11.82
N VAL A 58 -23.75 0.08 -11.52
CA VAL A 58 -22.97 1.23 -11.04
C VAL A 58 -21.71 1.31 -11.93
N PRO A 59 -21.00 2.45 -11.92
CA PRO A 59 -19.79 2.55 -12.73
C PRO A 59 -18.66 1.66 -12.16
N TRP A 60 -17.93 1.00 -13.05
CA TRP A 60 -16.80 0.19 -12.64
C TRP A 60 -15.81 0.91 -11.72
N PRO A 61 -15.51 2.20 -11.95
CA PRO A 61 -14.52 2.82 -11.05
C PRO A 61 -14.99 2.85 -9.61
N THR A 62 -16.30 2.85 -9.36
CA THR A 62 -16.73 2.92 -7.96
C THR A 62 -16.47 1.66 -7.18
N LEU A 63 -16.10 0.57 -7.86
CA LEU A 63 -15.89 -0.72 -7.21
C LEU A 63 -14.41 -1.07 -7.12
N VAL A 64 -13.51 -0.22 -7.70
CA VAL A 64 -12.07 -0.57 -7.68
C VAL A 64 -11.53 -0.83 -6.26
N THR A 65 -11.85 0.03 -5.30
CA THR A 65 -11.29 -0.19 -3.96
C THR A 65 -11.86 -1.45 -3.30
N THR A 66 -13.08 -1.80 -3.64
CA THR A 66 -13.70 -2.99 -3.05
C THR A 66 -13.05 -4.25 -3.57
N PHE A 67 -12.83 -4.30 -4.91
CA PHE A 67 -12.21 -5.47 -5.54
C PHE A 67 -10.75 -5.59 -5.16
N VAL A 69 -7.17 -6.06 -2.04
CA VAL A 69 -6.19 -7.15 -1.67
C VAL A 69 -4.87 -6.50 -1.29
N GLN A 70 -4.90 -5.68 -0.24
CA GLN A 70 -3.77 -4.85 0.14
C GLN A 70 -2.63 -5.61 0.68
N CYS A 71 -2.79 -6.95 0.86
CA CYS A 71 -1.66 -7.86 1.08
C CYS A 71 -0.67 -7.90 -0.06
N PHE A 72 -1.02 -7.35 -1.26
CA PHE A 72 -0.07 -7.28 -2.37
C PHE A 72 0.79 -6.02 -2.38
N ALA A 73 0.64 -5.16 -1.38
CA ALA A 73 1.52 -4.01 -1.29
C ALA A 73 2.97 -4.40 -1.17
N ARG A 74 3.81 -3.54 -1.72
CA ARG A 74 5.24 -3.66 -1.45
C ARG A 74 5.61 -2.86 -0.18
N TYR A 75 6.00 -3.54 0.88
CA TYR A 75 6.55 -2.85 2.06
C TYR A 75 8.07 -2.81 1.88
N PRO A 76 8.67 -1.63 1.89
CA PRO A 76 10.12 -1.51 1.94
C PRO A 76 10.68 -2.27 3.13
N ASP A 77 11.93 -2.73 2.98
CA ASP A 77 12.56 -3.48 4.04
C ASP A 77 12.44 -2.85 5.44
N HIS A 78 12.64 -1.55 5.53
CA HIS A 78 12.60 -0.90 6.82
C HIS A 78 11.19 -0.80 7.43
N MET A 79 10.16 -1.23 6.66
CA MET A 79 8.79 -1.17 7.13
C MET A 79 8.15 -2.53 7.23
N LYS A 80 8.88 -3.62 7.01
CA LYS A 80 8.23 -4.93 6.97
C LYS A 80 7.49 -5.31 8.27
N GLN A 81 7.93 -4.78 9.40
CA GLN A 81 7.25 -5.05 10.65
C GLN A 81 5.91 -4.35 10.80
N HIS A 82 5.55 -3.59 9.78
CA HIS A 82 4.28 -2.86 9.83
C HIS A 82 3.24 -3.42 8.85
N ASP A 83 3.51 -4.57 8.24
CA ASP A 83 2.58 -5.11 7.21
C ASP A 83 1.60 -6.07 7.92
N PHE A 84 0.50 -5.50 8.38
CA PHE A 84 -0.60 -6.24 8.97
C PHE A 84 -1.14 -7.31 8.01
N PHE A 85 -1.28 -6.91 6.75
CA PHE A 85 -2.07 -7.68 5.79
C PHE A 85 -1.46 -9.06 5.56
N LYS A 86 -0.14 -9.09 5.29
CA LYS A 86 0.45 -10.41 5.08
C LYS A 86 0.55 -11.20 6.36
N SER A 87 0.68 -10.50 7.52
CA SER A 87 0.92 -11.21 8.79
C SER A 87 -0.31 -12.01 9.16
N ALA A 88 -1.50 -11.63 8.64
CA ALA A 88 -2.75 -12.33 8.98
C ALA A 88 -2.91 -13.63 8.17
N MET A 89 -2.07 -13.83 7.15
CA MET A 89 -2.20 -15.00 6.26
C MET A 89 -1.52 -16.22 6.89
N PRO A 90 -1.95 -17.43 6.55
CA PRO A 90 -2.98 -17.71 5.53
C PRO A 90 -4.44 -17.60 5.91
N GLU A 91 -4.74 -17.56 7.22
CA GLU A 91 -6.14 -17.58 7.64
C GLU A 91 -6.87 -16.34 7.17
N GLY A 92 -6.14 -15.24 7.08
CA GLY A 92 -6.71 -14.05 6.42
C GLY A 92 -7.27 -12.99 7.37
N TYR A 93 -8.00 -12.07 6.75
CA TYR A 93 -8.63 -11.00 7.51
C TYR A 93 -9.98 -10.69 6.93
N VAL A 94 -10.82 -10.08 7.78
CA VAL A 94 -12.08 -9.48 7.31
C VAL A 94 -11.79 -8.00 7.07
N GLN A 95 -12.21 -7.50 5.90
CA GLN A 95 -12.07 -6.07 5.54
C GLN A 95 -13.47 -5.52 5.43
N GLU A 96 -13.80 -4.52 6.25
CA GLU A 96 -15.10 -3.87 6.17
C GLU A 96 -14.91 -2.44 5.81
N ARG A 97 -15.83 -1.93 4.99
CA ARG A 97 -15.84 -0.47 4.68
C ARG A 97 -17.19 0.12 4.71
N THR A 98 -17.18 1.43 5.00
CA THR A 98 -18.29 2.30 4.65
C THR A 98 -17.72 3.34 3.72
N ILE A 99 -18.37 3.52 2.59
CA ILE A 99 -17.92 4.47 1.56
C ILE A 99 -19.09 5.47 1.37
N PHE A 100 -18.83 6.72 1.74
CA PHE A 100 -19.80 7.78 1.56
C PHE A 100 -19.52 8.55 0.30
N PHE A 101 -20.41 8.46 -0.69
CA PHE A 101 -20.26 9.28 -1.91
C PHE A 101 -20.84 10.68 -1.62
N LYS A 102 -20.02 11.73 -1.70
CA LYS A 102 -20.50 13.06 -1.35
C LYS A 102 -21.75 13.40 -2.18
N ASP A 103 -22.78 13.92 -1.49
CA ASP A 103 -24.09 14.28 -2.08
C ASP A 103 -24.78 13.13 -2.78
N ASP A 104 -24.49 11.91 -2.34
CA ASP A 104 -25.13 10.78 -2.92
C ASP A 104 -25.16 9.62 -1.88
N GLY A 105 -25.29 8.40 -2.37
CA GLY A 105 -25.52 7.25 -1.50
C GLY A 105 -24.23 6.72 -0.87
N ASN A 106 -24.36 5.57 -0.23
CA ASN A 106 -23.22 4.94 0.42
C ASN A 106 -23.14 3.47 0.08
N TYR A 107 -21.91 2.97 0.05
CA TYR A 107 -21.68 1.51 0.04
C TYR A 107 -21.23 1.03 1.41
N LYS A 108 -21.69 -0.16 1.81
CA LYS A 108 -21.18 -0.89 2.93
C LYS A 108 -20.69 -2.24 2.41
N THR A 109 -19.44 -2.59 2.74
CA THR A 109 -18.86 -3.82 2.19
C THR A 109 -18.26 -4.64 3.32
N ARG A 110 -18.35 -5.95 3.16
CA ARG A 110 -17.69 -6.89 4.07
C ARG A 110 -17.01 -7.90 3.18
N ALA A 111 -15.73 -8.09 3.40
CA ALA A 111 -14.95 -9.03 2.59
C ALA A 111 -14.10 -9.90 3.43
N GLU A 112 -13.88 -11.13 2.99
CA GLU A 112 -12.89 -12.03 3.59
C GLU A 112 -11.77 -12.23 2.56
N VAL A 113 -10.56 -11.97 3.00
CA VAL A 113 -9.33 -12.09 2.17
C VAL A 113 -8.47 -13.13 2.81
N LYS A 114 -8.19 -14.22 2.10
CA LYS A 114 -7.51 -15.37 2.75
C LYS A 114 -6.93 -16.25 1.68
N PHE A 115 -6.02 -17.14 2.07
CA PHE A 115 -5.58 -18.15 1.11
C PHE A 115 -6.52 -19.35 1.05
N GLU A 116 -6.87 -19.74 -0.15
CA GLU A 116 -7.45 -21.08 -0.40
C GLU A 116 -6.37 -21.81 -1.20
N GLY A 117 -5.54 -22.56 -0.47
CA GLY A 117 -4.39 -23.20 -1.17
C GLY A 117 -3.40 -22.17 -1.68
N ASP A 118 -3.05 -22.33 -2.94
CA ASP A 118 -2.10 -21.42 -3.58
C ASP A 118 -2.73 -20.08 -4.00
N THR A 119 -4.04 -19.90 -3.85
CA THR A 119 -4.76 -18.76 -4.41
C THR A 119 -5.23 -17.82 -3.32
N LEU A 120 -4.95 -16.51 -3.49
CA LEU A 120 -5.44 -15.50 -2.54
C LEU A 120 -6.85 -15.12 -3.00
N VAL A 121 -7.85 -15.28 -2.15
CA VAL A 121 -9.22 -15.02 -2.53
C VAL A 121 -9.77 -13.83 -1.77
N ASN A 122 -10.57 -13.03 -2.48
CA ASN A 122 -11.29 -11.89 -1.90
C ASN A 122 -12.76 -12.10 -2.19
N ARG A 123 -13.55 -12.45 -1.16
CA ARG A 123 -14.98 -12.70 -1.30
C ARG A 123 -15.75 -11.58 -0.58
N ILE A 124 -16.64 -10.94 -1.32
CA ILE A 124 -17.21 -9.66 -0.86
C ILE A 124 -18.73 -9.65 -0.95
N GLU A 125 -19.35 -9.06 0.07
CA GLU A 125 -20.76 -8.65 0.00
C GLU A 125 -20.82 -7.13 0.04
N LEU A 126 -21.57 -6.53 -0.85
CA LEU A 126 -21.69 -5.07 -0.95
C LEU A 126 -23.20 -4.68 -0.96
N LYS A 127 -23.55 -3.73 -0.10
CA LYS A 127 -24.89 -3.13 -0.11
C LYS A 127 -24.76 -1.63 -0.32
N GLY A 128 -25.48 -1.11 -1.30
CA GLY A 128 -25.53 0.33 -1.49
C GLY A 128 -26.93 0.85 -1.30
N ILE A 129 -27.03 2.01 -0.74
CA ILE A 129 -28.36 2.62 -0.43
C ILE A 129 -28.34 4.09 -0.62
N ASP A 130 -29.53 4.63 -0.89
CA ASP A 130 -29.74 6.07 -0.95
C ASP A 130 -29.04 6.78 -2.11
N PHE A 131 -28.78 6.02 -3.18
CA PHE A 131 -28.26 6.66 -4.39
C PHE A 131 -29.36 7.40 -5.15
N LYS A 132 -28.95 8.50 -5.76
CA LYS A 132 -29.82 9.34 -6.58
C LYS A 132 -29.87 8.75 -7.99
N GLU A 133 -31.08 8.59 -8.54
CA GLU A 133 -31.21 7.95 -9.85
C GLU A 133 -30.50 8.72 -10.96
N ASP A 134 -30.41 10.01 -10.75
CA ASP A 134 -29.88 11.00 -11.67
C ASP A 134 -28.50 11.51 -11.26
N GLY A 135 -27.89 10.86 -10.26
CA GLY A 135 -26.59 11.26 -9.75
C GLY A 135 -25.45 10.67 -10.55
N ASN A 136 -24.23 10.90 -10.06
CA ASN A 136 -23.05 10.47 -10.81
C ASN A 136 -22.87 8.98 -10.89
N ILE A 137 -23.45 8.27 -9.92
CA ILE A 137 -23.23 6.83 -9.78
C ILE A 137 -24.30 6.10 -10.62
N LEU A 138 -25.58 6.22 -10.25
CA LEU A 138 -26.62 5.55 -11.01
C LEU A 138 -26.79 6.13 -12.42
N GLY A 139 -26.42 7.41 -12.59
CA GLY A 139 -26.35 8.07 -13.90
C GLY A 139 -25.13 7.76 -14.76
N HIS A 140 -24.17 6.98 -14.23
CA HIS A 140 -22.98 6.62 -15.00
C HIS A 140 -22.28 7.81 -15.62
N LYS A 141 -21.92 8.76 -14.74
CA LYS A 141 -21.28 10.01 -15.17
C LYS A 141 -19.80 10.07 -14.86
N LEU A 142 -19.26 8.95 -14.36
CA LEU A 142 -17.83 8.87 -14.00
C LEU A 142 -16.97 8.51 -15.18
N GLU A 143 -15.84 9.22 -15.38
CA GLU A 143 -14.90 8.80 -16.41
C GLU A 143 -14.29 7.44 -16.05
N TYR A 144 -13.87 6.71 -17.08
CA TYR A 144 -13.27 5.41 -16.89
C TYR A 144 -11.77 5.57 -16.70
N ASN A 145 -11.43 5.98 -15.49
CA ASN A 145 -10.05 6.23 -15.17
C ASN A 145 -9.91 6.31 -13.66
N TYR A 146 -8.72 6.57 -13.18
CA TYR A 146 -8.52 6.50 -11.73
C TYR A 146 -7.28 7.28 -11.33
N ASN A 147 -7.30 7.86 -10.15
CA ASN A 147 -6.20 8.69 -9.63
C ASN A 147 -5.40 7.99 -8.60
N SER A 148 -4.27 8.55 -8.20
CA SER A 148 -3.45 8.00 -7.15
C SER A 148 -3.89 8.54 -5.83
N HIS A 149 -3.92 7.70 -4.80
CA HIS A 149 -4.33 8.14 -3.42
C HIS A 149 -3.44 7.53 -2.39
N ASN A 150 -3.38 8.18 -1.25
CA ASN A 150 -2.65 7.65 -0.09
C ASN A 150 -3.68 7.04 0.84
N VAL A 151 -3.44 5.80 1.22
CA VAL A 151 -4.33 5.02 2.13
C VAL A 151 -3.75 5.00 3.51
N TYR A 152 -4.39 5.73 4.44
CA TYR A 152 -3.75 5.96 5.77
C TYR A 152 -4.14 4.86 6.72
N ILE A 153 -3.14 4.26 7.36
CA ILE A 153 -3.31 3.08 8.20
C ILE A 153 -2.87 3.41 9.63
N MET A 154 -3.72 3.00 10.58
CA MET A 154 -3.35 3.09 12.03
C MET A 154 -3.74 1.80 12.69
N ALA A 155 -2.98 1.40 13.69
CA ALA A 155 -3.37 0.25 14.49
C ALA A 155 -4.54 0.55 15.39
N ASP A 156 -5.38 -0.45 15.57
CA ASP A 156 -6.36 -0.42 16.67
C ASP A 156 -5.90 -1.49 17.67
N LYS A 157 -5.14 -1.05 18.67
CA LYS A 157 -4.49 -2.02 19.58
C LYS A 157 -5.39 -2.54 20.68
N GLN A 158 -6.57 -1.99 20.77
CA GLN A 158 -7.53 -2.54 21.68
C GLN A 158 -8.37 -3.64 21.04
N LYS A 159 -8.43 -3.63 19.71
CA LYS A 159 -9.33 -4.49 18.94
C LYS A 159 -8.58 -5.44 18.03
N ASN A 160 -7.27 -5.43 18.11
CA ASN A 160 -6.40 -6.32 17.32
C ASN A 160 -6.48 -6.18 15.79
N GLY A 161 -6.57 -4.96 15.33
CA GLY A 161 -6.71 -4.82 13.87
C GLY A 161 -6.19 -3.46 13.50
N ILE A 162 -6.59 -3.03 12.30
CA ILE A 162 -6.23 -1.73 11.78
C ILE A 162 -7.46 -0.94 11.37
N LYS A 163 -7.32 0.36 11.46
CA LYS A 163 -8.30 1.35 10.96
C LYS A 163 -7.63 2.06 9.84
N VAL A 164 -8.41 2.26 8.77
CA VAL A 164 -7.84 2.79 7.51
C VAL A 164 -8.78 3.85 6.96
N ASN A 165 -8.24 4.96 6.47
CA ASN A 165 -9.12 5.98 5.88
C ASN A 165 -8.40 6.64 4.70
N PHE A 166 -9.24 7.03 3.75
CA PHE A 166 -8.73 7.77 2.60
C PHE A 166 -9.91 8.36 1.85
N LYS A 167 -9.63 9.28 0.93
CA LYS A 167 -10.68 9.94 0.17
C LYS A 167 -10.37 9.74 -1.31
N ILE A 168 -11.24 9.04 -2.01
CA ILE A 168 -11.10 8.77 -3.46
C ILE A 168 -11.71 9.90 -4.21
N ARG A 169 -10.99 10.35 -5.23
CA ARG A 169 -11.50 11.37 -6.17
C ARG A 169 -11.81 10.72 -7.49
N HIS A 170 -13.06 10.67 -7.90
CA HIS A 170 -13.42 10.13 -9.21
C HIS A 170 -13.63 11.25 -10.22
N ASN A 171 -12.86 11.25 -11.29
CA ASN A 171 -13.03 12.31 -12.32
C ASN A 171 -14.34 12.22 -13.10
N ILE A 172 -14.91 13.38 -13.37
CA ILE A 172 -16.07 13.59 -14.27
C ILE A 172 -15.67 14.51 -15.42
N GLU A 173 -16.17 14.26 -16.63
CA GLU A 173 -15.88 15.04 -17.85
C GLU A 173 -15.99 16.56 -17.74
N ASP A 174 -16.91 17.06 -16.89
CA ASP A 174 -17.20 18.50 -16.75
C ASP A 174 -16.07 19.16 -15.99
N GLY A 175 -15.14 18.30 -15.54
CA GLY A 175 -13.99 18.76 -14.85
C GLY A 175 -14.27 18.74 -13.37
N SER A 176 -15.47 18.33 -12.98
CA SER A 176 -15.72 18.14 -11.53
C SER A 176 -15.22 16.79 -11.07
N VAL A 177 -15.25 16.62 -9.76
CA VAL A 177 -14.82 15.38 -9.16
C VAL A 177 -15.91 14.91 -8.22
N GLN A 178 -16.11 13.61 -8.16
CA GLN A 178 -16.99 12.97 -7.19
C GLN A 178 -16.14 12.38 -6.07
N LEU A 179 -16.33 12.84 -4.85
CA LEU A 179 -15.54 12.37 -3.74
C LEU A 179 -16.20 11.13 -3.16
N ALA A 180 -15.38 10.16 -2.75
CA ALA A 180 -15.90 8.95 -2.06
C ALA A 180 -15.04 8.79 -0.83
N ASP A 181 -15.62 9.11 0.34
CA ASP A 181 -14.88 9.03 1.59
C ASP A 181 -14.88 7.58 2.07
N HIS A 182 -13.71 7.01 2.18
CA HIS A 182 -13.58 5.63 2.60
C HIS A 182 -13.16 5.47 4.06
N TYR A 183 -13.95 4.66 4.76
CA TYR A 183 -13.59 4.26 6.13
C TYR A 183 -13.50 2.76 6.13
N GLN A 184 -12.46 2.24 6.74
CA GLN A 184 -12.16 0.81 6.63
C GLN A 184 -11.62 0.28 7.95
N GLN A 185 -11.93 -0.98 8.21
CA GLN A 185 -11.33 -1.68 9.35
C GLN A 185 -11.03 -3.10 8.91
N ASN A 186 -9.93 -3.61 9.44
CA ASN A 186 -9.54 -5.01 9.14
C ASN A 186 -9.21 -5.72 10.42
N THR A 187 -9.68 -6.96 10.49
CA THR A 187 -9.51 -7.78 11.70
C THR A 187 -9.02 -9.16 11.26
N PRO A 188 -8.10 -9.78 11.97
CA PRO A 188 -7.65 -11.09 11.56
C PRO A 188 -8.75 -12.13 11.76
N ILE A 189 -8.76 -13.14 10.90
CA ILE A 189 -9.63 -14.32 11.04
C ILE A 189 -9.02 -15.33 12.00
N GLY A 190 -7.70 -15.45 12.03
CA GLY A 190 -6.98 -16.40 12.87
C GLY A 190 -6.79 -15.89 14.29
N ASP A 191 -6.42 -16.78 15.17
CA ASP A 191 -6.17 -16.48 16.59
C ASP A 191 -4.73 -16.17 16.92
N GLY A 192 -3.81 -16.43 16.02
CA GLY A 192 -2.40 -16.08 16.26
C GLY A 192 -2.18 -14.58 16.16
N PRO A 193 -1.08 -14.07 16.72
CA PRO A 193 -0.81 -12.64 16.67
C PRO A 193 -0.53 -12.13 15.25
N VAL A 194 -0.86 -10.88 15.02
CA VAL A 194 -0.56 -10.24 13.74
C VAL A 194 0.32 -9.04 14.00
N LEU A 195 0.81 -8.37 12.95
CA LEU A 195 1.58 -7.12 13.11
C LEU A 195 0.62 -5.97 13.22
N LEU A 196 0.68 -5.26 14.36
CA LEU A 196 -0.13 -4.07 14.60
C LEU A 196 0.75 -2.85 14.38
N PRO A 197 0.57 -2.15 13.25
CA PRO A 197 1.63 -1.23 12.73
C PRO A 197 1.63 0.15 13.36
N ASP A 198 2.78 0.80 13.24
CA ASP A 198 2.78 2.22 13.48
C ASP A 198 2.07 2.93 12.34
N ASN A 199 1.67 4.19 12.53
CA ASN A 199 0.98 4.90 11.46
C ASN A 199 1.82 5.00 10.20
N HIS A 200 1.20 4.75 9.05
CA HIS A 200 1.86 4.86 7.76
C HIS A 200 0.79 4.94 6.70
N TYR A 201 1.18 4.91 5.44
CA TYR A 201 0.20 4.91 4.35
C TYR A 201 0.66 4.06 3.23
N LEU A 202 -0.31 3.66 2.39
CA LEU A 202 0.01 2.99 1.12
C LEU A 202 -0.18 3.98 -0.03
N SER A 203 0.85 4.22 -0.85
CA SER A 203 0.68 5.02 -2.03
C SER A 203 0.12 4.11 -3.10
N THR A 204 -1.10 4.37 -3.55
CA THR A 204 -1.84 3.41 -4.39
C THR A 204 -2.09 4.02 -5.74
N GLN A 205 -1.73 3.33 -6.80
CA GLN A 205 -1.94 3.77 -8.18
C GLN A 205 -2.80 2.77 -8.86
N SER A 206 -3.73 3.21 -9.71
CA SER A 206 -4.62 2.27 -10.41
C SER A 206 -4.84 2.71 -11.81
N ALA A 207 -4.85 1.76 -12.72
CA ALA A 207 -5.15 2.09 -14.09
C ALA A 207 -6.19 1.14 -14.65
N LEU A 208 -7.20 1.66 -15.33
CA LEU A 208 -8.35 0.85 -15.77
C LEU A 208 -8.34 0.65 -17.26
N SER A 209 -8.60 -0.53 -17.76
CA SER A 209 -8.56 -0.75 -19.18
C SER A 209 -9.61 -1.75 -19.57
N LYS A 210 -9.66 -2.02 -20.88
CA LYS A 210 -10.71 -2.89 -21.39
C LYS A 210 -10.03 -3.92 -22.29
N ASP A 211 -10.63 -5.11 -22.37
CA ASP A 211 -10.21 -6.25 -23.22
C ASP A 211 -11.04 -6.16 -24.51
N PRO A 212 -10.38 -5.90 -25.66
CA PRO A 212 -11.12 -5.75 -26.93
C PRO A 212 -11.93 -6.99 -27.33
N ASN A 213 -11.55 -8.16 -26.82
CA ASN A 213 -12.20 -9.41 -27.19
C ASN A 213 -13.37 -9.75 -26.30
N GLU A 214 -13.53 -8.98 -25.23
CA GLU A 214 -14.51 -9.30 -24.25
C GLU A 214 -15.80 -8.58 -24.54
N LYS A 215 -16.86 -9.37 -24.72
CA LYS A 215 -18.20 -8.83 -25.02
C LYS A 215 -18.99 -8.52 -23.76
N ARG A 216 -18.62 -9.15 -22.65
CA ARG A 216 -19.39 -8.98 -21.42
C ARG A 216 -18.95 -7.68 -20.78
N ASP A 217 -19.82 -7.13 -19.95
CA ASP A 217 -19.48 -5.91 -19.20
C ASP A 217 -18.32 -6.29 -18.23
N HIS A 218 -17.22 -5.52 -18.27
CA HIS A 218 -15.97 -5.94 -17.62
C HIS A 218 -15.07 -4.78 -17.29
N MET A 219 -14.08 -5.04 -16.45
CA MET A 219 -13.00 -4.08 -16.16
C MET A 219 -11.69 -4.84 -16.04
N VAL A 220 -10.63 -4.33 -16.66
CA VAL A 220 -9.26 -4.74 -16.36
C VAL A 220 -8.64 -3.72 -15.45
N LEU A 221 -8.08 -4.19 -14.33
CA LEU A 221 -7.49 -3.32 -13.35
C LEU A 221 -6.02 -3.64 -13.13
N LEU A 222 -5.18 -2.63 -13.12
CA LEU A 222 -3.82 -2.75 -12.66
C LEU A 222 -3.64 -1.85 -11.42
N GLU A 223 -3.03 -2.34 -10.37
CA GLU A 223 -2.62 -1.49 -9.23
C GLU A 223 -1.17 -1.64 -8.93
N PHE A 224 -0.55 -0.52 -8.54
CA PHE A 224 0.76 -0.51 -7.93
C PHE A 224 0.64 0.12 -6.57
N VAL A 225 1.11 -0.58 -5.55
CA VAL A 225 0.87 -0.24 -4.15
C VAL A 225 2.17 -0.32 -3.39
N THR A 226 2.57 0.80 -2.80
CA THR A 226 3.85 0.83 -2.08
C THR A 226 3.64 1.47 -0.71
N ALA A 227 4.11 0.82 0.35
CA ALA A 227 3.99 1.42 1.72
C ALA A 227 5.03 2.53 1.88
N ALA A 228 4.66 3.54 2.62
CA ALA A 228 5.48 4.77 2.82
C ALA A 228 5.01 5.42 4.10
N GLY A 229 5.63 6.57 4.42
CA GLY A 229 5.19 7.34 5.60
C GLY A 229 5.94 7.06 6.87
N ILE A 230 6.90 6.14 6.82
CA ILE A 230 7.85 5.90 7.96
C ILE A 230 9.21 6.12 7.30
N THR A 231 10.01 7.03 7.89
CA THR A 231 11.29 7.37 7.28
C THR A 231 12.24 6.17 7.13
N GLY A 232 12.94 6.15 6.01
CA GLY A 232 13.98 5.18 5.80
C GLY A 232 15.35 5.63 6.32
N SER A 233 15.41 6.85 6.82
CA SER A 233 16.66 7.34 7.45
C SER A 233 16.80 6.69 8.82
N MET A 234 18.07 6.62 9.23
CA MET A 234 18.50 5.93 10.45
C MET A 234 19.65 6.77 11.01
N GLN A 235 19.83 6.67 12.31
CA GLN A 235 20.97 7.32 12.94
C GLN A 235 22.19 6.42 12.85
N ILE A 236 23.33 7.06 12.65
CA ILE A 236 24.66 6.47 12.89
C ILE A 236 25.43 7.36 13.82
N PHE A 237 26.45 6.80 14.46
CA PHE A 237 27.36 7.56 15.33
C PHE A 237 28.65 7.82 14.61
N VAL A 238 29.26 8.97 14.89
CA VAL A 238 30.56 9.33 14.37
C VAL A 238 31.42 9.80 15.51
N LYS A 239 32.61 9.23 15.56
CA LYS A 239 33.62 9.76 16.47
C LYS A 239 34.40 10.85 15.80
N THR A 240 34.45 12.02 16.45
CA THR A 240 35.03 13.20 15.82
C THR A 240 36.56 13.18 16.03
N LEU A 241 37.21 14.18 15.49
CA LEU A 241 38.67 14.19 15.55
C LEU A 241 39.18 14.20 16.97
N THR A 242 38.44 14.82 17.88
CA THR A 242 38.84 14.88 19.27
C THR A 242 38.25 13.76 20.11
N GLY A 243 37.50 12.83 19.48
CA GLY A 243 37.04 11.67 20.21
C GLY A 243 35.64 11.87 20.78
N LYS A 244 34.97 12.97 20.43
CA LYS A 244 33.58 13.13 20.90
C LYS A 244 32.65 12.36 19.98
N THR A 245 31.43 12.11 20.42
CA THR A 245 30.52 11.35 19.61
C THR A 245 29.43 12.26 19.13
N ILE A 246 29.17 12.24 17.84
CA ILE A 246 28.02 12.94 17.24
C ILE A 246 27.12 11.92 16.60
N THR A 247 25.89 12.32 16.29
CA THR A 247 24.98 11.49 15.49
C THR A 247 24.76 12.08 14.10
N LEU A 248 24.52 11.24 13.13
CA LEU A 248 24.07 11.69 11.80
C LEU A 248 22.81 10.96 11.45
N GLU A 249 21.97 11.60 10.65
CA GLU A 249 20.80 10.95 10.03
C GLU A 249 21.13 10.63 8.59
N VAL A 250 21.10 9.36 8.24
CA VAL A 250 21.58 8.87 6.94
C VAL A 250 20.64 7.82 6.34
N GLU A 251 20.71 7.60 5.04
CA GLU A 251 20.05 6.43 4.44
C GLU A 251 21.09 5.42 3.96
N PRO A 252 20.71 4.14 3.85
CA PRO A 252 21.66 3.14 3.34
C PRO A 252 22.24 3.48 1.97
N SER A 253 21.47 4.22 1.17
CA SER A 253 21.90 4.58 -0.18
C SER A 253 22.77 5.82 -0.21
N ASP A 254 23.08 6.39 0.97
CA ASP A 254 23.99 7.56 1.01
C ASP A 254 25.39 7.16 0.65
N THR A 255 25.98 7.93 -0.25
CA THR A 255 27.38 7.79 -0.60
C THR A 255 28.20 8.30 0.58
N ILE A 256 29.41 7.77 0.67
CA ILE A 256 30.41 8.22 1.64
C ILE A 256 30.64 9.73 1.46
N GLU A 257 30.66 10.20 0.21
CA GLU A 257 30.71 11.63 -0.08
C GLU A 257 29.57 12.39 0.61
N ASN A 258 28.34 11.87 0.56
CA ASN A 258 27.22 12.55 1.18
C ASN A 258 27.29 12.49 2.72
N VAL A 259 27.84 11.39 3.25
CA VAL A 259 28.09 11.31 4.71
C VAL A 259 29.07 12.41 5.14
N LYS A 260 30.13 12.61 4.34
CA LYS A 260 31.13 13.62 4.63
C LYS A 260 30.50 15.00 4.56
N ALA A 261 29.58 15.20 3.61
CA ALA A 261 28.85 16.44 3.55
C ALA A 261 28.03 16.70 4.82
N LYS A 262 27.38 15.67 5.36
CA LYS A 262 26.64 15.82 6.63
C LYS A 262 27.57 16.11 7.82
N ILE A 263 28.78 15.55 7.79
CA ILE A 263 29.72 15.82 8.86
C ILE A 263 30.22 17.28 8.80
N GLN A 264 30.45 17.81 7.61
CA GLN A 264 30.84 19.21 7.43
C GLN A 264 29.82 20.12 8.10
N ASP A 265 28.54 19.80 7.94
CA ASP A 265 27.45 20.58 8.51
C ASP A 265 27.51 20.67 10.02
N LYS A 266 27.95 19.60 10.69
CA LYS A 266 28.11 19.64 12.16
C LYS A 266 29.51 19.99 12.68
N GLU A 267 30.55 19.62 11.96
CA GLU A 267 31.89 19.73 12.47
C GLU A 267 32.74 20.79 11.77
N GLY A 268 32.28 21.24 10.60
CA GLY A 268 32.91 22.36 9.88
C GLY A 268 34.16 21.95 9.14
N ILE A 269 34.43 20.64 9.05
CA ILE A 269 35.59 20.14 8.31
C ILE A 269 35.17 19.85 6.87
N PRO A 270 35.87 20.46 5.89
CA PRO A 270 35.54 20.16 4.50
C PRO A 270 35.69 18.67 4.20
N PRO A 271 34.79 18.11 3.37
CA PRO A 271 34.85 16.72 2.93
C PRO A 271 36.20 16.28 2.42
N ASP A 272 36.90 17.15 1.66
CA ASP A 272 38.15 16.73 1.07
C ASP A 272 39.29 16.62 2.11
N GLN A 273 39.00 17.08 3.34
CA GLN A 273 39.87 16.90 4.51
C GLN A 273 39.49 15.73 5.44
N GLN A 274 38.34 15.12 5.16
CA GLN A 274 37.85 14.01 6.01
C GLN A 274 38.27 12.65 5.47
N ARG A 275 38.63 11.76 6.39
CA ARG A 275 38.75 10.34 6.09
C ARG A 275 37.81 9.60 7.07
N LEU A 276 37.01 8.68 6.55
CA LEU A 276 36.07 7.89 7.40
C LEU A 276 36.50 6.43 7.51
N ILE A 277 36.45 5.90 8.73
CA ILE A 277 36.91 4.55 9.01
C ILE A 277 35.77 3.82 9.71
N PHE A 278 35.49 2.61 9.24
CA PHE A 278 34.55 1.73 9.93
C PHE A 278 35.23 0.37 10.12
N ALA A 279 35.25 -0.16 11.34
CA ALA A 279 35.87 -1.46 11.65
C ALA A 279 37.30 -1.58 11.07
N GLY A 280 38.05 -0.48 11.12
CA GLY A 280 39.47 -0.43 10.70
C GLY A 280 39.61 -0.16 9.20
N LYS A 281 38.50 -0.21 8.48
CA LYS A 281 38.46 -0.09 7.03
C LYS A 281 38.22 1.35 6.61
N GLN A 282 39.07 1.86 5.71
CA GLN A 282 38.86 3.17 5.11
C GLN A 282 37.68 3.11 4.14
N LEU A 283 36.77 4.09 4.21
CA LEU A 283 35.57 4.15 3.36
C LEU A 283 35.79 5.09 2.19
N GLU A 284 35.38 4.66 1.00
CA GLU A 284 35.75 5.37 -0.25
C GLU A 284 34.55 6.11 -0.80
N ASP A 285 34.76 7.34 -1.24
CA ASP A 285 33.68 8.30 -1.51
C ASP A 285 32.52 7.86 -2.41
N GLY A 286 32.85 7.13 -3.48
CA GLY A 286 31.83 6.70 -4.45
C GLY A 286 31.01 5.47 -4.07
N ARG A 287 31.34 4.86 -2.93
CA ARG A 287 30.54 3.76 -2.37
C ARG A 287 29.44 4.27 -1.43
N THR A 288 28.50 3.39 -1.12
CA THR A 288 27.39 3.73 -0.24
C THR A 288 27.56 3.02 1.08
N LEU A 289 26.85 3.49 2.10
CA LEU A 289 26.87 2.81 3.39
C LEU A 289 26.46 1.32 3.29
N SER A 290 25.44 1.04 2.51
CA SER A 290 25.04 -0.36 2.25
C SER A 290 26.10 -1.20 1.54
N ASP A 291 26.82 -0.62 0.56
CA ASP A 291 27.98 -1.30 -0.02
C ASP A 291 28.95 -1.88 1.03
N TYR A 292 29.03 -1.23 2.19
CA TYR A 292 29.90 -1.64 3.28
C TYR A 292 29.18 -2.47 4.36
N ASN A 293 27.88 -2.72 4.15
CA ASN A 293 27.03 -3.44 5.10
C ASN A 293 27.00 -2.73 6.45
N ILE A 294 26.96 -1.40 6.40
CA ILE A 294 26.95 -0.62 7.62
C ILE A 294 25.50 -0.46 8.10
N GLN A 295 25.22 -1.08 9.24
CA GLN A 295 23.85 -1.07 9.82
C GLN A 295 23.53 0.22 10.62
N LYS A 296 22.24 0.49 10.82
CA LYS A 296 21.74 1.52 11.76
C LYS A 296 22.51 1.44 13.09
N GLU A 297 22.96 2.62 13.55
CA GLU A 297 23.56 2.80 14.85
C GLU A 297 24.94 2.12 15.00
N SER A 298 25.58 1.91 13.85
CA SER A 298 27.00 1.64 13.78
C SER A 298 27.76 2.91 14.12
N THR A 299 29.05 2.76 14.35
CA THR A 299 29.95 3.87 14.60
C THR A 299 30.98 4.01 13.51
N LEU A 300 31.08 5.22 12.95
CA LEU A 300 32.21 5.59 12.07
C LEU A 300 33.22 6.44 12.80
N HIS A 301 34.46 6.49 12.27
CA HIS A 301 35.49 7.32 12.85
C HIS A 301 35.96 8.32 11.84
N LEU A 302 35.90 9.59 12.25
CA LEU A 302 36.48 10.64 11.45
C LEU A 302 37.94 10.82 11.78
N VAL A 303 38.78 10.75 10.74
CA VAL A 303 40.22 11.02 10.92
C VAL A 303 40.71 11.95 9.81
N LEU A 304 41.92 12.46 9.96
CA LEU A 304 42.48 13.40 8.96
C LEU A 304 42.93 12.76 7.66
#